data_6Y6V
#
_entry.id   6Y6V
#
_cell.length_a   66.230
_cell.length_b   72.680
_cell.length_c   77.060
_cell.angle_alpha   90.000
_cell.angle_beta   90.000
_cell.angle_gamma   90.000
#
_symmetry.space_group_name_H-M   'P 21 21 21'
#
loop_
_entity.id
_entity.type
_entity.pdbx_description
1 polymer 'Mitogen-activated protein kinase 14'
2 non-polymer 5-azanyl-~{N}-[[4-[[5-~{tert}-butyl-2-(4-methylphenyl)pyrazol-3-yl]carbamoyl]phenyl]methyl]-1-phenyl-pyrazole-4-carboxamide
3 water water
#
_entity_poly.entity_id   1
_entity_poly.type   'polypeptide(L)'
_entity_poly.pdbx_seq_one_letter_code
;GMSQERPTFYRQELNKTIWEVPERYQNLSPVGSGAYGSVCAAFDTKTGHRVAVKKLSRPFQSIIHAKRTYRELRLLKHMK
HENVIGLLDVFTPARSLEEFNDVYLVTHLMGADLNNIVKCQKLTDDHVQFLIYQILRGLKYIHSADIIHRDLKPSNLAVN
EDCELKILDFGLARHTDDEMTGYVATRWYRAPEIMLNWMHYNQTVDIWSVGCIMAELLTGRTLFPGTDHIDQLKLILRLV
GTPGAELLKKISSESARNYIQSLAQMPKMNFANVFIGANPLAVDLLEKMLVLDSDKRITAAQALAHAYFAQYHDPDDEPV
ADPYDQSFESRDLLIDEWKSLTYDEVISFVPPPLDQEEMES
;
_entity_poly.pdbx_strand_id   A
#
loop_
_chem_comp.id
_chem_comp.type
_chem_comp.name
_chem_comp.formula
OE5 non-polymer 5-azanyl-~{N}-[[4-[[5-~{tert}-butyl-2-(4-methylphenyl)pyrazol-3-yl]carbamoyl]phenyl]methyl]-1-phenyl-pyrazole-4-carboxamide 'C32 H33 N7 O2'
#
# COMPACT_ATOMS: atom_id res chain seq x y z
N GLU A 5 18.02 10.08 -27.88
CA GLU A 5 18.59 11.41 -27.52
C GLU A 5 17.78 11.95 -26.35
N ARG A 6 17.94 13.23 -26.00
CA ARG A 6 17.19 13.88 -24.89
C ARG A 6 15.97 14.64 -25.47
N PRO A 7 14.77 14.45 -24.90
CA PRO A 7 13.57 15.07 -25.46
C PRO A 7 13.55 16.59 -25.30
N THR A 8 12.77 17.26 -26.16
CA THR A 8 12.46 18.70 -26.00
C THR A 8 11.51 18.85 -24.82
N PHE A 9 11.80 19.78 -23.93
CA PHE A 9 10.96 20.06 -22.75
C PHE A 9 10.27 21.37 -23.02
N TYR A 10 9.16 21.63 -22.36
CA TYR A 10 8.45 22.93 -22.45
C TYR A 10 7.97 23.27 -21.05
N ARG A 11 7.87 24.56 -20.79
CA ARG A 11 7.63 25.12 -19.46
C ARG A 11 6.25 25.79 -19.42
N GLN A 12 5.48 25.49 -18.39
CA GLN A 12 4.29 26.30 -18.03
C GLN A 12 4.18 26.44 -16.50
N GLU A 13 3.45 27.44 -16.04
CA GLU A 13 3.07 27.63 -14.62
C GLU A 13 1.62 27.09 -14.43
N LEU A 14 1.38 26.27 -13.40
CA LEU A 14 0.03 25.82 -12.97
C LEU A 14 -0.02 25.76 -11.45
N ASN A 15 -1.17 26.13 -10.87
CA ASN A 15 -1.38 26.18 -9.39
C ASN A 15 -0.12 26.83 -8.78
N LYS A 16 0.26 28.01 -9.26
CA LYS A 16 1.58 28.67 -9.00
C LYS A 16 2.64 27.61 -8.72
N THR A 17 2.93 26.74 -9.70
CA THR A 17 4.08 25.79 -9.71
C THR A 17 4.64 25.73 -11.14
N ILE A 18 5.97 25.77 -11.34
CA ILE A 18 6.62 25.59 -12.68
C ILE A 18 6.70 24.10 -13.03
N TRP A 19 6.04 23.70 -14.11
CA TRP A 19 6.14 22.36 -14.73
C TRP A 19 6.98 22.43 -15.99
N GLU A 20 7.91 21.48 -16.09
CA GLU A 20 8.86 21.34 -17.23
C GLU A 20 8.86 19.88 -17.67
N VAL A 21 8.18 19.56 -18.76
CA VAL A 21 7.98 18.14 -19.15
C VAL A 21 8.35 17.95 -20.61
N PRO A 22 8.72 16.72 -21.01
CA PRO A 22 8.92 16.37 -22.41
C PRO A 22 7.62 16.59 -23.21
N GLU A 23 7.75 17.03 -24.45
CA GLU A 23 6.63 17.52 -25.29
C GLU A 23 5.63 16.39 -25.63
N ARG A 24 6.02 15.13 -25.49
CA ARG A 24 5.09 13.99 -25.64
C ARG A 24 3.94 14.12 -24.65
N TYR A 25 4.13 14.82 -23.50
CA TYR A 25 3.09 15.03 -22.47
C TYR A 25 2.45 16.39 -22.72
N GLN A 26 1.20 16.37 -23.18
CA GLN A 26 0.42 17.55 -23.64
C GLN A 26 -0.84 17.68 -22.75
N ASN A 27 -1.44 18.87 -22.70
CA ASN A 27 -2.79 19.10 -22.12
C ASN A 27 -2.77 18.84 -20.61
N LEU A 28 -1.75 19.34 -19.92
CA LEU A 28 -1.57 19.08 -18.48
C LEU A 28 -2.66 19.81 -17.72
N SER A 29 -3.34 19.07 -16.86
CA SER A 29 -4.50 19.57 -16.11
C SER A 29 -4.39 19.09 -14.67
N PRO A 30 -4.35 20.01 -13.66
CA PRO A 30 -4.19 19.62 -12.25
C PRO A 30 -5.33 18.74 -11.75
N VAL A 31 -5.05 17.77 -10.88
CA VAL A 31 -6.06 16.84 -10.28
C VAL A 31 -5.92 16.86 -8.75
N GLY A 32 -7.06 16.89 -8.01
CA GLY A 32 -7.14 16.82 -6.53
C GLY A 32 -6.33 17.91 -5.82
N TYR A 36 -2.98 15.03 -3.21
CA TYR A 36 -1.99 14.10 -3.80
C TYR A 36 -0.66 14.81 -4.06
N GLY A 37 -0.51 16.06 -3.60
CA GLY A 37 0.57 17.00 -3.98
C GLY A 37 0.44 17.55 -5.39
N SER A 38 1.57 17.86 -6.02
CA SER A 38 1.63 18.47 -7.37
C SER A 38 1.42 17.38 -8.43
N VAL A 39 0.18 17.15 -8.84
CA VAL A 39 -0.17 16.08 -9.82
C VAL A 39 -1.03 16.67 -10.93
N CYS A 40 -0.70 16.30 -12.16
CA CYS A 40 -1.38 16.70 -13.40
C CYS A 40 -1.79 15.45 -14.20
N ALA A 41 -3.03 15.42 -14.65
CA ALA A 41 -3.47 14.58 -15.78
C ALA A 41 -2.78 15.17 -17.00
N ALA A 42 -2.32 14.30 -17.89
CA ALA A 42 -1.63 14.64 -19.16
C ALA A 42 -2.01 13.58 -20.19
N PHE A 43 -1.98 13.99 -21.44
CA PHE A 43 -2.19 13.10 -22.59
C PHE A 43 -0.81 12.68 -23.09
N ASP A 44 -0.53 11.39 -23.09
CA ASP A 44 0.78 10.85 -23.54
C ASP A 44 0.68 10.61 -25.03
N THR A 45 1.21 11.51 -25.82
CA THR A 45 1.05 11.49 -27.29
C THR A 45 1.68 10.20 -27.85
N LYS A 46 2.61 9.56 -27.14
CA LYS A 46 3.35 8.37 -27.69
C LYS A 46 2.36 7.19 -27.80
N THR A 47 1.49 7.05 -26.81
CA THR A 47 0.59 5.89 -26.66
C THR A 47 -0.87 6.24 -26.96
N GLY A 48 -1.24 7.53 -26.98
CA GLY A 48 -2.64 7.99 -27.09
C GLY A 48 -3.40 7.92 -25.76
N HIS A 49 -2.74 7.51 -24.69
CA HIS A 49 -3.39 7.26 -23.39
C HIS A 49 -3.12 8.42 -22.44
N ARG A 50 -4.06 8.65 -21.53
CA ARG A 50 -3.96 9.66 -20.47
C ARG A 50 -3.12 9.06 -19.37
N VAL A 51 -2.23 9.85 -18.80
CA VAL A 51 -1.37 9.46 -17.63
C VAL A 51 -1.50 10.53 -16.54
N ALA A 52 -0.89 10.26 -15.36
CA ALA A 52 -0.67 11.22 -14.26
C ALA A 52 0.81 11.56 -14.19
N VAL A 53 1.16 12.83 -14.08
CA VAL A 53 2.55 13.29 -13.92
C VAL A 53 2.60 13.94 -12.56
N LYS A 54 3.53 13.46 -11.72
CA LYS A 54 3.72 14.01 -10.36
C LYS A 54 5.07 14.68 -10.29
N LYS A 55 5.10 15.96 -9.95
CA LYS A 55 6.38 16.67 -9.67
C LYS A 55 6.66 16.54 -8.16
N LEU A 56 7.68 15.78 -7.79
CA LEU A 56 8.03 15.63 -6.36
C LEU A 56 8.28 17.01 -5.75
N SER A 57 7.74 17.23 -4.56
CA SER A 57 7.90 18.50 -3.82
C SER A 57 9.18 18.50 -2.98
N ARG A 58 10.13 19.38 -3.30
CA ARG A 58 11.33 19.64 -2.48
C ARG A 58 12.03 18.29 -2.26
N PRO A 59 12.35 17.57 -3.36
CA PRO A 59 12.82 16.19 -3.26
C PRO A 59 14.17 16.03 -2.53
N PHE A 60 15.03 17.06 -2.58
CA PHE A 60 16.41 17.04 -2.01
C PHE A 60 16.56 18.10 -0.91
N GLN A 61 15.48 18.38 -0.17
CA GLN A 61 15.36 19.56 0.74
C GLN A 61 16.23 19.27 1.95
N SER A 62 16.09 18.03 2.45
CA SER A 62 16.77 17.45 3.63
C SER A 62 17.32 16.06 3.31
N ILE A 63 18.10 15.49 4.24
CA ILE A 63 18.58 14.09 4.18
C ILE A 63 17.35 13.18 4.05
N ILE A 64 16.30 13.46 4.80
CA ILE A 64 15.15 12.52 4.99
C ILE A 64 14.30 12.53 3.72
N HIS A 65 13.93 13.70 3.19
CA HIS A 65 13.23 13.86 1.88
C HIS A 65 14.05 13.14 0.78
N ALA A 66 15.36 13.40 0.74
CA ALA A 66 16.30 12.90 -0.30
C ALA A 66 16.25 11.37 -0.33
N LYS A 67 16.29 10.76 0.87
CA LYS A 67 16.22 9.29 1.04
C LYS A 67 14.82 8.81 0.68
N ARG A 68 13.78 9.51 1.11
CA ARG A 68 12.35 9.29 0.73
C ARG A 68 12.20 9.30 -0.82
N THR A 69 12.89 10.21 -1.51
CA THR A 69 12.80 10.35 -2.98
C THR A 69 13.38 9.07 -3.60
N TYR A 70 14.63 8.78 -3.29
CA TYR A 70 15.37 7.53 -3.62
C TYR A 70 14.50 6.31 -3.33
N ARG A 71 14.03 6.16 -2.08
CA ARG A 71 13.19 5.02 -1.67
C ARG A 71 12.03 4.87 -2.67
N GLU A 72 11.25 5.93 -2.89
CA GLU A 72 10.01 5.78 -3.68
C GLU A 72 10.39 5.39 -5.14
N LEU A 73 11.42 6.01 -5.73
CA LEU A 73 11.84 5.68 -7.12
C LEU A 73 12.30 4.22 -7.23
N ARG A 74 13.17 3.76 -6.31
CA ARG A 74 13.68 2.35 -6.27
C ARG A 74 12.48 1.37 -6.19
N LEU A 75 11.48 1.64 -5.35
CA LEU A 75 10.27 0.77 -5.11
C LEU A 75 9.42 0.71 -6.38
N LEU A 76 9.08 1.87 -6.91
CA LEU A 76 8.23 1.98 -8.14
C LEU A 76 8.95 1.33 -9.32
N LYS A 77 10.26 1.48 -9.44
CA LYS A 77 11.02 0.87 -10.57
C LYS A 77 11.00 -0.65 -10.43
N HIS A 78 10.86 -1.16 -9.20
CA HIS A 78 10.92 -2.61 -8.95
C HIS A 78 9.57 -3.27 -9.31
N MET A 79 8.46 -2.56 -9.12
CA MET A 79 7.09 -3.14 -9.18
C MET A 79 6.66 -3.37 -10.65
N LYS A 80 6.59 -4.64 -11.01
CA LYS A 80 6.25 -5.17 -12.36
C LYS A 80 5.23 -6.30 -12.07
N HIS A 81 4.02 -5.90 -11.67
CA HIS A 81 2.95 -6.84 -11.26
C HIS A 81 1.57 -6.23 -11.58
N GLU A 82 0.65 -7.06 -12.11
CA GLU A 82 -0.74 -6.70 -12.53
C GLU A 82 -1.49 -5.92 -11.41
N ASN A 83 -1.30 -6.29 -10.14
CA ASN A 83 -2.09 -5.82 -8.99
C ASN A 83 -1.25 -4.80 -8.16
N VAL A 84 -0.25 -4.19 -8.76
CA VAL A 84 0.59 -3.19 -8.06
C VAL A 84 0.87 -2.08 -9.07
N ILE A 85 0.82 -0.82 -8.62
CA ILE A 85 1.09 0.35 -9.49
C ILE A 85 2.44 0.13 -10.15
N GLY A 86 2.55 0.47 -11.42
CA GLY A 86 3.79 0.37 -12.21
C GLY A 86 4.29 1.76 -12.51
N LEU A 87 5.57 1.94 -12.80
CA LEU A 87 6.08 3.26 -13.22
C LEU A 87 6.17 3.32 -14.74
N LEU A 88 5.48 4.26 -15.39
CA LEU A 88 5.51 4.37 -16.87
C LEU A 88 6.75 5.13 -17.31
N ASP A 89 7.13 6.14 -16.54
CA ASP A 89 8.20 7.07 -16.93
C ASP A 89 8.68 7.77 -15.66
N VAL A 90 9.94 8.22 -15.65
CA VAL A 90 10.47 9.19 -14.64
C VAL A 90 11.32 10.18 -15.42
N PHE A 91 11.32 11.46 -15.09
CA PHE A 91 12.29 12.35 -15.77
C PHE A 91 12.65 13.57 -14.91
N THR A 92 13.70 14.23 -15.39
CA THR A 92 14.17 15.57 -14.96
C THR A 92 14.54 16.43 -16.18
N PRO A 93 14.23 17.76 -16.15
CA PRO A 93 14.83 18.74 -17.06
C PRO A 93 16.37 18.86 -17.03
N ALA A 94 16.98 18.65 -15.87
CA ALA A 94 18.44 18.79 -15.70
C ALA A 94 19.16 17.96 -16.79
N ARG A 95 20.09 18.62 -17.48
CA ARG A 95 20.95 18.02 -18.53
C ARG A 95 22.18 17.37 -17.88
N SER A 96 22.34 17.46 -16.54
CA SER A 96 23.54 16.98 -15.79
C SER A 96 23.23 16.80 -14.31
N LEU A 97 24.06 16.06 -13.57
CA LEU A 97 23.94 15.93 -12.10
C LEU A 97 24.16 17.30 -11.46
N GLU A 98 25.11 18.09 -12.01
CA GLU A 98 25.33 19.52 -11.65
C GLU A 98 23.99 20.24 -11.49
N GLU A 99 23.08 20.17 -12.47
CA GLU A 99 21.81 20.97 -12.48
C GLU A 99 20.62 20.17 -11.91
N PHE A 100 20.82 18.93 -11.43
CA PHE A 100 19.73 17.97 -11.08
C PHE A 100 19.01 18.42 -9.80
N ASN A 101 17.74 18.83 -9.95
CA ASN A 101 16.91 19.37 -8.83
C ASN A 101 15.50 18.79 -8.73
N ASP A 102 14.75 18.70 -9.83
CA ASP A 102 13.34 18.26 -9.83
C ASP A 102 13.22 16.85 -10.41
N VAL A 103 12.24 16.13 -9.92
CA VAL A 103 11.99 14.70 -10.28
C VAL A 103 10.50 14.58 -10.56
N TYR A 104 10.17 14.00 -11.71
CA TYR A 104 8.80 13.81 -12.19
C TYR A 104 8.55 12.33 -12.36
N LEU A 105 7.48 11.84 -11.76
CA LEU A 105 7.05 10.43 -11.95
C LEU A 105 5.80 10.44 -12.81
N VAL A 106 5.69 9.47 -13.72
CA VAL A 106 4.48 9.26 -14.58
C VAL A 106 3.88 7.91 -14.24
N THR A 107 2.58 7.88 -13.90
CA THR A 107 1.83 6.63 -13.64
C THR A 107 0.58 6.62 -14.51
N HIS A 108 -0.11 5.49 -14.56
CA HIS A 108 -1.51 5.49 -15.05
C HIS A 108 -2.27 6.52 -14.24
N LEU A 109 -3.36 6.98 -14.83
CA LEU A 109 -4.37 7.83 -14.18
C LEU A 109 -5.29 6.90 -13.38
N MET A 110 -5.37 7.06 -12.05
CA MET A 110 -6.22 6.19 -11.19
C MET A 110 -7.60 6.86 -11.07
N GLY A 111 -7.73 7.91 -10.24
CA GLY A 111 -8.95 8.69 -10.01
C GLY A 111 -10.21 7.83 -9.85
N ALA A 112 -10.10 6.72 -9.08
CA ALA A 112 -11.17 5.81 -8.61
C ALA A 112 -10.57 4.81 -7.60
N ASP A 113 -10.79 5.03 -6.29
CA ASP A 113 -10.25 4.18 -5.20
C ASP A 113 -11.35 3.23 -4.70
N LEU A 114 -11.04 2.34 -3.77
CA LEU A 114 -12.01 1.28 -3.40
C LEU A 114 -13.31 1.89 -2.85
N ASN A 115 -13.27 2.95 -2.02
CA ASN A 115 -14.53 3.63 -1.58
C ASN A 115 -15.30 4.14 -2.81
N ASN A 116 -14.60 4.85 -3.71
CA ASN A 116 -15.25 5.50 -4.87
C ASN A 116 -16.15 4.46 -5.54
N ILE A 117 -15.79 3.16 -5.50
CA ILE A 117 -16.48 2.05 -6.23
C ILE A 117 -17.60 1.39 -5.38
N VAL A 118 -17.51 1.34 -4.04
CA VAL A 118 -18.67 0.90 -3.18
C VAL A 118 -19.42 2.13 -2.63
N LYS A 122 -22.14 -2.51 -1.10
CA LYS A 122 -23.26 -3.04 -1.92
C LYS A 122 -22.71 -4.10 -2.93
N LEU A 123 -21.58 -4.75 -2.59
CA LEU A 123 -20.82 -5.72 -3.43
C LEU A 123 -21.36 -7.16 -3.27
N THR A 124 -21.64 -7.88 -4.36
CA THR A 124 -21.96 -9.34 -4.31
C THR A 124 -20.79 -10.13 -3.73
N ASP A 125 -21.01 -11.37 -3.30
CA ASP A 125 -19.94 -12.22 -2.74
C ASP A 125 -18.80 -12.38 -3.77
N ASP A 126 -19.19 -12.55 -5.04
CA ASP A 126 -18.28 -12.81 -6.18
C ASP A 126 -17.33 -11.63 -6.38
N HIS A 127 -17.81 -10.40 -6.20
CA HIS A 127 -16.96 -9.17 -6.34
C HIS A 127 -16.06 -9.01 -5.09
N VAL A 128 -16.48 -9.46 -3.90
CA VAL A 128 -15.59 -9.44 -2.69
C VAL A 128 -14.46 -10.45 -2.93
N GLN A 129 -14.80 -11.66 -3.38
CA GLN A 129 -13.76 -12.68 -3.68
C GLN A 129 -12.74 -12.06 -4.62
N PHE A 130 -13.16 -11.50 -5.76
CA PHE A 130 -12.23 -11.07 -6.84
C PHE A 130 -11.34 -9.93 -6.31
N LEU A 131 -11.91 -9.00 -5.53
CA LEU A 131 -11.18 -7.79 -5.07
C LEU A 131 -10.18 -8.19 -3.98
N ILE A 132 -10.60 -8.97 -2.97
CA ILE A 132 -9.66 -9.44 -1.92
C ILE A 132 -8.64 -10.40 -2.58
N TYR A 133 -9.06 -11.24 -3.53
CA TYR A 133 -8.09 -12.08 -4.29
C TYR A 133 -6.95 -11.23 -4.85
N GLN A 134 -7.28 -10.13 -5.52
CA GLN A 134 -6.28 -9.27 -6.21
C GLN A 134 -5.38 -8.54 -5.22
N ILE A 135 -5.91 -8.16 -4.07
CA ILE A 135 -5.08 -7.50 -3.03
C ILE A 135 -4.02 -8.50 -2.57
N LEU A 136 -4.45 -9.73 -2.30
CA LEU A 136 -3.58 -10.79 -1.76
C LEU A 136 -2.54 -11.22 -2.80
N ARG A 137 -2.89 -11.30 -4.08
CA ARG A 137 -1.96 -11.65 -5.19
C ARG A 137 -0.85 -10.58 -5.26
N GLY A 138 -1.24 -9.30 -5.28
CA GLY A 138 -0.33 -8.14 -5.20
C GLY A 138 0.53 -8.19 -3.92
N LEU A 139 -0.08 -8.51 -2.77
CA LEU A 139 0.64 -8.55 -1.46
C LEU A 139 1.67 -9.66 -1.47
N LYS A 140 1.28 -10.84 -1.97
CA LYS A 140 2.20 -11.97 -2.10
C LYS A 140 3.48 -11.48 -2.80
N TYR A 141 3.33 -10.81 -3.96
CA TYR A 141 4.43 -10.21 -4.77
C TYR A 141 5.28 -9.25 -3.89
N ILE A 142 4.68 -8.17 -3.39
CA ILE A 142 5.36 -7.17 -2.53
C ILE A 142 6.07 -7.86 -1.35
N HIS A 143 5.35 -8.69 -0.58
CA HIS A 143 5.93 -9.48 0.54
C HIS A 143 7.11 -10.36 0.08
N SER A 144 7.05 -10.96 -1.14
CA SER A 144 8.12 -11.87 -1.62
C SER A 144 9.44 -11.11 -1.74
N ALA A 145 9.43 -9.81 -2.01
CA ALA A 145 10.63 -8.93 -2.13
C ALA A 145 10.94 -8.25 -0.76
N ASP A 146 10.41 -8.75 0.34
CA ASP A 146 10.79 -8.33 1.71
C ASP A 146 10.35 -6.87 1.96
N ILE A 147 9.23 -6.44 1.37
CA ILE A 147 8.66 -5.06 1.45
C ILE A 147 7.33 -5.17 2.17
N ILE A 148 7.04 -4.22 3.06
CA ILE A 148 5.76 -4.12 3.79
C ILE A 148 5.07 -2.82 3.38
N HIS A 149 3.80 -2.89 2.97
CA HIS A 149 3.02 -1.69 2.63
C HIS A 149 2.95 -0.80 3.89
N ARG A 150 2.36 -1.31 4.98
CA ARG A 150 2.14 -0.62 6.29
C ARG A 150 0.94 0.29 6.27
N ASP A 151 0.38 0.67 5.13
CA ASP A 151 -0.77 1.62 5.11
C ASP A 151 -1.82 1.16 4.12
N LEU A 152 -2.13 -0.12 4.14
CA LEU A 152 -3.21 -0.65 3.27
C LEU A 152 -4.54 -0.14 3.79
N LYS A 153 -5.32 0.46 2.91
CA LYS A 153 -6.66 1.02 3.22
C LYS A 153 -7.34 1.36 1.90
N PRO A 154 -8.68 1.46 1.88
CA PRO A 154 -9.42 1.66 0.61
C PRO A 154 -8.94 2.75 -0.34
N SER A 155 -8.42 3.87 0.17
CA SER A 155 -7.89 5.03 -0.63
C SER A 155 -6.54 4.69 -1.28
N ASN A 156 -5.90 3.59 -0.91
CA ASN A 156 -4.59 3.18 -1.47
C ASN A 156 -4.81 1.99 -2.41
N LEU A 157 -6.04 1.80 -2.91
CA LEU A 157 -6.41 0.72 -3.83
C LEU A 157 -7.14 1.35 -5.02
N ALA A 158 -6.50 1.34 -6.16
CA ALA A 158 -7.09 1.79 -7.44
C ALA A 158 -7.91 0.64 -7.98
N VAL A 159 -9.13 0.94 -8.43
CA VAL A 159 -10.08 -0.08 -8.96
C VAL A 159 -10.80 0.56 -10.15
N ASN A 160 -10.63 -0.02 -11.33
CA ASN A 160 -11.21 0.48 -12.61
C ASN A 160 -12.64 -0.08 -12.74
N GLU A 161 -13.25 0.03 -13.92
CA GLU A 161 -14.68 -0.32 -14.15
C GLU A 161 -14.87 -1.83 -13.98
N ASP A 162 -13.89 -2.62 -14.46
CA ASP A 162 -13.92 -4.11 -14.49
C ASP A 162 -13.46 -4.76 -13.18
N CYS A 163 -13.55 -4.05 -12.04
CA CYS A 163 -13.14 -4.51 -10.68
C CYS A 163 -11.66 -4.95 -10.65
N GLU A 164 -10.84 -4.42 -11.58
CA GLU A 164 -9.37 -4.67 -11.63
C GLU A 164 -8.69 -3.71 -10.64
N LEU A 165 -7.85 -4.27 -9.78
CA LEU A 165 -7.33 -3.62 -8.57
C LEU A 165 -5.81 -3.49 -8.65
N LYS A 166 -5.30 -2.31 -8.30
CA LYS A 166 -3.86 -2.09 -8.04
C LYS A 166 -3.65 -1.49 -6.64
N ILE A 167 -2.67 -2.04 -5.94
CA ILE A 167 -2.12 -1.53 -4.66
C ILE A 167 -1.19 -0.38 -4.99
N LEU A 168 -1.33 0.75 -4.31
CA LEU A 168 -0.39 1.89 -4.46
C LEU A 168 -0.27 2.58 -3.09
N ASP A 169 0.43 3.69 -3.01
CA ASP A 169 0.45 4.47 -1.76
C ASP A 169 0.55 5.93 -2.14
N PHE A 170 -0.54 6.67 -1.94
CA PHE A 170 -0.64 8.13 -2.19
C PHE A 170 0.15 8.91 -1.12
N GLY A 171 0.63 8.27 -0.04
CA GLY A 171 1.65 8.85 0.86
C GLY A 171 1.23 10.21 1.34
N ALA A 185 -9.00 7.06 7.37
CA ALA A 185 -8.10 7.08 8.57
C ALA A 185 -7.32 5.78 8.68
N THR A 186 -5.99 5.89 8.67
CA THR A 186 -5.02 4.77 8.70
C THR A 186 -5.30 3.86 9.92
N ARG A 187 -5.66 4.46 11.07
CA ARG A 187 -5.74 3.69 12.34
C ARG A 187 -6.83 2.60 12.22
N TRP A 188 -7.85 2.83 11.39
CA TRP A 188 -8.96 1.85 11.20
C TRP A 188 -8.43 0.52 10.64
N TYR A 189 -7.34 0.53 9.84
CA TYR A 189 -6.81 -0.68 9.14
C TYR A 189 -5.45 -1.14 9.70
N ARG A 190 -5.03 -0.54 10.78
CA ARG A 190 -3.67 -0.64 11.41
C ARG A 190 -3.67 -1.84 12.38
N ALA A 191 -2.67 -2.68 12.26
CA ALA A 191 -2.46 -3.87 13.10
C ALA A 191 -2.23 -3.45 14.56
N PRO A 192 -2.89 -4.17 15.50
CA PRO A 192 -2.82 -3.83 16.92
C PRO A 192 -1.39 -3.84 17.47
N GLU A 193 -0.52 -4.73 17.01
CA GLU A 193 0.87 -4.83 17.57
C GLU A 193 1.62 -3.50 17.37
N ILE A 194 1.38 -2.84 16.25
CA ILE A 194 1.95 -1.52 15.92
C ILE A 194 1.37 -0.45 16.87
N MET A 195 0.07 -0.47 17.11
CA MET A 195 -0.52 0.55 18.02
C MET A 195 -0.26 0.25 19.49
N LEU A 196 0.17 -0.98 19.85
CA LEU A 196 0.63 -1.31 21.24
C LEU A 196 2.16 -1.19 21.37
N ASN A 197 2.87 -0.97 20.27
CA ASN A 197 4.35 -0.87 20.30
C ASN A 197 4.96 -2.20 20.79
N TRP A 198 4.40 -3.35 20.40
CA TRP A 198 5.00 -4.70 20.67
C TRP A 198 6.33 -4.84 19.90
N MET A 199 7.25 -5.70 20.34
CA MET A 199 8.53 -5.96 19.63
C MET A 199 8.29 -6.62 18.25
N HIS A 200 7.71 -7.84 18.24
CA HIS A 200 7.44 -8.74 17.05
C HIS A 200 6.60 -7.99 16.00
N TYR A 201 7.23 -7.54 14.90
N TYR A 201 7.15 -7.88 14.78
CA TYR A 201 6.56 -6.97 13.69
CA TYR A 201 6.74 -6.96 13.68
C TYR A 201 6.85 -7.92 12.52
C TYR A 201 6.93 -7.63 12.32
N ASN A 202 5.88 -8.12 11.64
CA ASN A 202 6.15 -8.88 10.39
C ASN A 202 5.20 -8.41 9.29
N GLN A 203 5.42 -8.92 8.09
CA GLN A 203 4.64 -8.53 6.88
C GLN A 203 3.14 -8.71 7.11
N THR A 204 2.74 -9.56 8.06
CA THR A 204 1.30 -9.82 8.34
C THR A 204 0.63 -8.59 8.96
N VAL A 205 1.34 -7.47 9.20
CA VAL A 205 0.62 -6.23 9.59
C VAL A 205 -0.30 -5.88 8.41
N ASP A 206 0.10 -6.27 7.18
CA ASP A 206 -0.65 -5.96 5.94
C ASP A 206 -1.91 -6.83 5.86
N ILE A 207 -1.81 -8.05 6.38
CA ILE A 207 -2.93 -9.04 6.37
C ILE A 207 -4.03 -8.57 7.32
N TRP A 208 -3.65 -8.06 8.51
CA TRP A 208 -4.62 -7.43 9.41
C TRP A 208 -5.45 -6.44 8.59
N SER A 209 -4.75 -5.56 7.87
CA SER A 209 -5.37 -4.49 7.06
C SER A 209 -6.34 -5.08 6.05
N VAL A 210 -5.93 -6.17 5.37
CA VAL A 210 -6.75 -6.80 4.32
C VAL A 210 -8.02 -7.36 4.99
N GLY A 211 -7.88 -7.91 6.20
CA GLY A 211 -9.01 -8.41 7.02
C GLY A 211 -10.03 -7.30 7.30
N CYS A 212 -9.54 -6.10 7.66
CA CYS A 212 -10.37 -4.91 7.92
C CYS A 212 -11.04 -4.47 6.62
N ILE A 213 -10.33 -4.46 5.50
CA ILE A 213 -10.89 -4.05 4.19
C ILE A 213 -11.98 -5.09 3.84
N MET A 214 -11.66 -6.37 3.83
CA MET A 214 -12.64 -7.42 3.46
C MET A 214 -13.91 -7.30 4.31
N ALA A 215 -13.78 -7.13 5.64
CA ALA A 215 -14.93 -7.03 6.58
C ALA A 215 -15.89 -5.90 6.12
N GLU A 216 -15.31 -4.74 5.83
CA GLU A 216 -16.02 -3.54 5.28
C GLU A 216 -16.76 -3.88 3.96
N LEU A 217 -16.13 -4.56 3.02
CA LEU A 217 -16.76 -4.90 1.72
C LEU A 217 -17.99 -5.80 1.96
N LEU A 218 -17.95 -6.62 3.01
CA LEU A 218 -19.02 -7.59 3.31
C LEU A 218 -20.20 -6.92 4.00
N THR A 219 -19.94 -6.00 4.93
CA THR A 219 -20.97 -5.46 5.87
C THR A 219 -21.42 -4.07 5.43
N GLY A 220 -20.59 -3.37 4.66
CA GLY A 220 -20.81 -2.00 4.22
C GLY A 220 -20.47 -0.98 5.29
N ARG A 221 -19.74 -1.34 6.36
CA ARG A 221 -19.34 -0.39 7.43
C ARG A 221 -17.93 -0.73 7.89
N THR A 222 -17.15 0.28 8.24
CA THR A 222 -15.83 0.12 8.88
C THR A 222 -15.97 -0.88 10.03
N LEU A 223 -15.11 -1.89 10.11
CA LEU A 223 -15.19 -2.89 11.21
C LEU A 223 -14.81 -2.21 12.53
N PHE A 224 -13.72 -1.43 12.56
CA PHE A 224 -13.14 -0.90 13.84
C PHE A 224 -12.95 0.61 13.70
N PRO A 225 -14.03 1.42 13.74
CA PRO A 225 -13.93 2.86 13.47
C PRO A 225 -13.51 3.64 14.72
N GLY A 226 -12.31 3.37 15.22
CA GLY A 226 -11.83 4.01 16.47
C GLY A 226 -11.65 5.53 16.31
N THR A 227 -11.93 6.30 17.36
CA THR A 227 -11.77 7.76 17.28
C THR A 227 -10.34 8.16 17.62
N ASP A 228 -9.56 7.25 18.19
CA ASP A 228 -8.14 7.42 18.63
C ASP A 228 -7.59 6.00 18.86
N HIS A 229 -6.30 5.89 19.13
CA HIS A 229 -5.59 4.58 19.16
C HIS A 229 -6.08 3.72 20.35
N ILE A 230 -6.53 4.31 21.45
CA ILE A 230 -7.01 3.56 22.64
C ILE A 230 -8.42 3.02 22.34
N ASP A 231 -9.28 3.87 21.78
CA ASP A 231 -10.60 3.41 21.28
C ASP A 231 -10.39 2.31 20.22
N GLN A 232 -9.49 2.52 19.26
CA GLN A 232 -9.21 1.54 18.15
C GLN A 232 -8.90 0.17 18.77
N LEU A 233 -8.00 0.12 19.76
CA LEU A 233 -7.58 -1.15 20.38
C LEU A 233 -8.74 -1.78 21.16
N LYS A 234 -9.49 -0.99 21.93
CA LYS A 234 -10.65 -1.50 22.71
C LYS A 234 -11.64 -2.18 21.74
N LEU A 235 -11.93 -1.55 20.59
CA LEU A 235 -12.86 -2.09 19.54
C LEU A 235 -12.28 -3.37 18.96
N ILE A 236 -10.97 -3.43 18.70
CA ILE A 236 -10.35 -4.70 18.18
C ILE A 236 -10.56 -5.81 19.21
N LEU A 237 -10.28 -5.54 20.49
CA LEU A 237 -10.17 -6.58 21.52
C LEU A 237 -11.56 -7.13 21.89
N ARG A 238 -12.57 -6.28 21.86
CA ARG A 238 -14.00 -6.66 21.93
C ARG A 238 -14.37 -7.82 20.99
N LEU A 239 -13.80 -7.84 19.76
CA LEU A 239 -14.06 -8.86 18.71
C LEU A 239 -13.07 -10.05 18.82
N VAL A 240 -11.76 -9.79 18.89
CA VAL A 240 -10.71 -10.85 18.74
C VAL A 240 -10.37 -11.42 20.12
N GLY A 241 -10.64 -10.70 21.22
CA GLY A 241 -10.50 -11.24 22.58
C GLY A 241 -9.16 -10.88 23.19
N THR A 242 -9.05 -11.02 24.49
CA THR A 242 -7.81 -10.72 25.23
C THR A 242 -6.78 -11.72 24.75
N PRO A 243 -5.49 -11.36 24.75
CA PRO A 243 -4.45 -12.33 24.38
C PRO A 243 -4.59 -13.67 25.14
N GLY A 244 -4.45 -14.79 24.41
CA GLY A 244 -4.31 -16.14 24.98
C GLY A 244 -2.93 -16.34 25.63
N ALA A 245 -2.80 -17.37 26.46
CA ALA A 245 -1.56 -17.73 27.22
C ALA A 245 -0.35 -17.70 26.27
N GLU A 246 -0.50 -18.21 25.04
N GLU A 246 -0.48 -18.18 25.03
CA GLU A 246 0.62 -18.39 24.06
CA GLU A 246 0.69 -18.37 24.13
C GLU A 246 1.20 -17.00 23.70
C GLU A 246 1.22 -17.01 23.64
N LEU A 247 0.34 -16.02 23.44
CA LEU A 247 0.74 -14.66 23.01
C LEU A 247 1.41 -13.93 24.20
N LEU A 248 0.82 -14.11 25.38
CA LEU A 248 1.18 -13.43 26.66
C LEU A 248 2.63 -13.82 26.99
N LYS A 249 2.99 -15.08 26.63
CA LYS A 249 4.35 -15.66 26.74
C LYS A 249 5.38 -14.80 25.98
N LYS A 250 5.01 -14.18 24.87
CA LYS A 250 6.01 -13.46 24.03
C LYS A 250 6.15 -11.99 24.44
N ILE A 251 5.46 -11.54 25.49
CA ILE A 251 5.46 -10.11 25.88
C ILE A 251 6.24 -9.96 27.17
N SER A 252 7.34 -9.20 27.08
CA SER A 252 8.43 -9.06 28.08
C SER A 252 7.87 -8.39 29.33
N SER A 253 7.15 -7.30 29.13
CA SER A 253 6.79 -6.26 30.14
C SER A 253 5.52 -6.63 30.94
N GLU A 254 5.60 -6.73 32.25
CA GLU A 254 4.37 -6.83 33.10
C GLU A 254 3.38 -5.67 32.81
N SER A 255 3.87 -4.44 32.65
CA SER A 255 3.02 -3.23 32.46
C SER A 255 2.34 -3.33 31.08
N ALA A 256 2.96 -3.94 30.07
CA ALA A 256 2.40 -4.15 28.72
C ALA A 256 1.37 -5.30 28.76
N ARG A 257 1.62 -6.36 29.54
CA ARG A 257 0.68 -7.50 29.71
C ARG A 257 -0.52 -7.00 30.52
N ASN A 258 -0.32 -6.17 31.57
CA ASN A 258 -1.43 -5.56 32.36
C ASN A 258 -2.27 -4.69 31.41
N TYR A 259 -1.63 -3.86 30.58
CA TYR A 259 -2.32 -2.84 29.76
C TYR A 259 -3.17 -3.51 28.69
N ILE A 260 -2.64 -4.48 27.98
CA ILE A 260 -3.41 -5.17 26.91
C ILE A 260 -4.63 -5.85 27.55
N GLN A 261 -4.47 -6.40 28.76
CA GLN A 261 -5.60 -7.02 29.53
C GLN A 261 -6.58 -5.92 29.99
N SER A 262 -6.05 -4.78 30.45
CA SER A 262 -6.80 -3.52 30.72
C SER A 262 -7.74 -3.14 29.58
N LEU A 263 -7.28 -3.13 28.33
CA LEU A 263 -8.08 -2.62 27.19
C LEU A 263 -9.12 -3.64 26.66
N ALA A 264 -9.33 -4.77 27.33
CA ALA A 264 -10.20 -5.86 26.81
C ALA A 264 -11.34 -6.11 27.82
N GLN A 265 -12.13 -5.07 28.07
CA GLN A 265 -13.20 -5.05 29.08
C GLN A 265 -14.57 -4.73 28.44
N MET A 266 -14.64 -4.26 27.19
CA MET A 266 -15.93 -4.09 26.45
C MET A 266 -16.57 -5.49 26.31
N PRO A 267 -17.92 -5.65 26.43
CA PRO A 267 -18.54 -6.99 26.38
C PRO A 267 -18.12 -7.74 25.11
N LYS A 268 -17.46 -8.89 25.27
CA LYS A 268 -16.90 -9.70 24.16
C LYS A 268 -17.96 -9.84 23.05
N MET A 269 -17.56 -9.77 21.76
CA MET A 269 -18.42 -10.02 20.58
C MET A 269 -17.92 -11.27 19.86
N ASN A 270 -18.77 -11.89 19.06
CA ASN A 270 -18.41 -13.09 18.26
C ASN A 270 -18.52 -12.78 16.76
N PHE A 271 -17.63 -13.38 15.99
CA PHE A 271 -17.54 -13.22 14.51
C PHE A 271 -18.82 -13.68 13.81
N ALA A 272 -19.45 -14.77 14.28
CA ALA A 272 -20.69 -15.30 13.65
C ALA A 272 -21.70 -14.15 13.58
N ASN A 273 -21.82 -13.39 14.66
CA ASN A 273 -22.89 -12.37 14.81
C ASN A 273 -22.54 -11.15 13.93
N VAL A 274 -21.30 -10.65 14.03
CA VAL A 274 -20.82 -9.44 13.31
C VAL A 274 -21.00 -9.62 11.79
N PHE A 275 -20.75 -10.83 11.27
CA PHE A 275 -20.76 -11.14 9.80
C PHE A 275 -21.97 -12.01 9.44
N ILE A 276 -23.05 -11.95 10.21
CA ILE A 276 -24.38 -12.57 9.88
C ILE A 276 -24.61 -12.36 8.36
N GLY A 277 -25.02 -13.40 7.65
CA GLY A 277 -25.27 -13.31 6.21
C GLY A 277 -24.02 -13.32 5.34
N ALA A 278 -22.79 -13.31 5.84
CA ALA A 278 -21.61 -13.47 4.94
C ALA A 278 -21.46 -14.96 4.57
N ASN A 279 -20.94 -15.26 3.38
CA ASN A 279 -20.37 -16.59 3.02
C ASN A 279 -19.55 -17.15 4.18
N PRO A 280 -19.92 -18.32 4.74
CA PRO A 280 -19.18 -18.87 5.88
C PRO A 280 -17.67 -19.03 5.61
N LEU A 281 -17.26 -19.23 4.35
CA LEU A 281 -15.82 -19.31 3.99
C LEU A 281 -15.16 -17.94 4.18
N ALA A 282 -15.80 -16.87 3.73
CA ALA A 282 -15.31 -15.50 4.00
C ALA A 282 -15.05 -15.38 5.49
N VAL A 283 -15.97 -15.88 6.32
CA VAL A 283 -15.91 -15.61 7.77
C VAL A 283 -14.76 -16.42 8.35
N ASP A 284 -14.58 -17.63 7.85
CA ASP A 284 -13.44 -18.50 8.25
C ASP A 284 -12.13 -17.75 7.92
N LEU A 285 -12.05 -17.17 6.72
CA LEU A 285 -10.81 -16.50 6.27
C LEU A 285 -10.59 -15.24 7.10
N LEU A 286 -11.64 -14.45 7.37
CA LEU A 286 -11.53 -13.26 8.30
C LEU A 286 -10.94 -13.67 9.66
N GLU A 287 -11.37 -14.78 10.23
CA GLU A 287 -10.95 -15.25 11.56
C GLU A 287 -9.45 -15.62 11.54
N LYS A 288 -8.92 -15.98 10.38
CA LYS A 288 -7.49 -16.32 10.22
C LYS A 288 -6.64 -15.07 9.95
N MET A 289 -7.24 -13.99 9.48
CA MET A 289 -6.56 -12.71 9.18
C MET A 289 -6.55 -11.83 10.44
N LEU A 290 -7.66 -11.76 11.19
CA LEU A 290 -7.85 -10.87 12.37
C LEU A 290 -7.46 -11.63 13.64
N VAL A 291 -6.19 -12.00 13.71
CA VAL A 291 -5.58 -12.80 14.81
C VAL A 291 -4.60 -11.87 15.49
N LEU A 292 -4.71 -11.75 16.80
CA LEU A 292 -3.92 -10.80 17.58
C LEU A 292 -2.44 -11.20 17.46
N ASP A 293 -2.15 -12.49 17.56
CA ASP A 293 -0.77 -13.04 17.56
C ASP A 293 -0.27 -13.09 16.10
N SER A 294 0.54 -12.11 15.68
CA SER A 294 1.00 -11.96 14.28
C SER A 294 1.80 -13.18 13.87
N ASP A 295 2.28 -13.99 14.82
CA ASP A 295 2.98 -15.26 14.46
C ASP A 295 1.97 -16.27 13.92
N LYS A 296 0.69 -16.09 14.19
CA LYS A 296 -0.32 -17.11 13.83
C LYS A 296 -1.20 -16.59 12.71
N ARG A 297 -1.00 -15.35 12.30
CA ARG A 297 -1.86 -14.69 11.28
C ARG A 297 -1.56 -15.36 9.94
N ILE A 298 -2.58 -15.68 9.15
CA ILE A 298 -2.41 -16.20 7.77
C ILE A 298 -1.54 -15.22 6.94
N THR A 299 -0.67 -15.77 6.08
CA THR A 299 0.17 -14.97 5.13
C THR A 299 -0.62 -14.79 3.83
N ALA A 300 -0.22 -13.85 2.97
CA ALA A 300 -0.81 -13.62 1.65
C ALA A 300 -0.75 -14.89 0.84
N ALA A 301 0.39 -15.58 0.81
CA ALA A 301 0.53 -16.81 -0.01
C ALA A 301 -0.46 -17.88 0.50
N GLN A 302 -0.63 -18.01 1.81
CA GLN A 302 -1.55 -19.02 2.38
C GLN A 302 -3.00 -18.58 2.11
N ALA A 303 -3.31 -17.30 2.21
CA ALA A 303 -4.70 -16.81 2.08
C ALA A 303 -5.20 -17.10 0.66
N LEU A 304 -4.34 -16.89 -0.33
CA LEU A 304 -4.62 -17.21 -1.77
C LEU A 304 -5.10 -18.66 -1.95
N ALA A 305 -4.71 -19.57 -1.05
CA ALA A 305 -5.00 -21.02 -1.20
C ALA A 305 -6.25 -21.39 -0.42
N HIS A 306 -6.83 -20.45 0.31
CA HIS A 306 -8.07 -20.68 1.11
C HIS A 306 -9.28 -20.91 0.18
N ALA A 307 -10.18 -21.79 0.58
CA ALA A 307 -11.31 -22.25 -0.26
C ALA A 307 -12.09 -21.03 -0.77
N TYR A 308 -12.09 -19.92 -0.02
CA TYR A 308 -12.93 -18.74 -0.35
C TYR A 308 -12.59 -18.29 -1.78
N PHE A 309 -11.35 -18.48 -2.19
CA PHE A 309 -10.85 -18.00 -3.50
C PHE A 309 -10.77 -19.15 -4.51
N ALA A 310 -11.45 -20.29 -4.34
CA ALA A 310 -11.29 -21.46 -5.23
C ALA A 310 -11.59 -21.09 -6.70
N GLN A 311 -12.47 -20.11 -6.90
CA GLN A 311 -12.95 -19.72 -8.24
C GLN A 311 -11.86 -18.90 -8.97
N TYR A 312 -10.90 -18.29 -8.26
CA TYR A 312 -9.85 -17.45 -8.89
C TYR A 312 -8.43 -18.00 -8.64
N HIS A 313 -8.23 -18.85 -7.62
CA HIS A 313 -6.88 -19.28 -7.21
C HIS A 313 -6.25 -20.04 -8.36
N ASP A 314 -5.08 -19.61 -8.84
CA ASP A 314 -4.28 -20.37 -9.83
C ASP A 314 -2.82 -20.30 -9.37
N PRO A 315 -2.28 -21.42 -8.83
CA PRO A 315 -0.91 -21.43 -8.30
C PRO A 315 0.17 -21.17 -9.37
N ASP A 316 -0.18 -21.25 -10.66
CA ASP A 316 0.76 -21.01 -11.79
C ASP A 316 0.76 -19.55 -12.24
N ASP A 317 -0.06 -18.69 -11.63
CA ASP A 317 -0.26 -17.28 -12.04
C ASP A 317 -0.38 -16.39 -10.80
N GLU A 318 0.39 -16.71 -9.78
CA GLU A 318 0.51 -15.88 -8.56
C GLU A 318 1.99 -15.59 -8.37
N PRO A 319 2.63 -14.77 -9.23
CA PRO A 319 4.10 -14.73 -9.26
C PRO A 319 4.72 -13.97 -8.07
N VAL A 320 5.97 -14.33 -7.73
CA VAL A 320 6.77 -13.58 -6.70
C VAL A 320 7.65 -12.57 -7.44
N ALA A 321 8.17 -11.57 -6.72
CA ALA A 321 9.04 -10.49 -7.22
C ALA A 321 10.49 -10.97 -7.41
N ASP A 322 11.21 -10.35 -8.31
CA ASP A 322 12.67 -10.49 -8.38
C ASP A 322 13.26 -9.96 -7.09
N PRO A 323 14.45 -10.44 -6.72
CA PRO A 323 15.16 -9.92 -5.56
C PRO A 323 15.29 -8.40 -5.62
N TYR A 324 14.98 -7.74 -4.51
CA TYR A 324 15.00 -6.27 -4.40
C TYR A 324 16.09 -5.86 -3.39
N ASP A 325 17.00 -5.02 -3.87
CA ASP A 325 18.17 -4.55 -3.06
C ASP A 325 17.70 -3.44 -2.13
N GLN A 326 17.42 -3.84 -0.88
CA GLN A 326 17.00 -2.97 0.23
C GLN A 326 18.23 -2.54 1.06
N SER A 327 19.47 -2.77 0.61
CA SER A 327 20.65 -2.54 1.50
C SER A 327 20.89 -1.03 1.71
N PHE A 328 20.09 -0.15 1.07
CA PHE A 328 20.17 1.32 1.18
C PHE A 328 19.33 1.80 2.36
N GLU A 329 18.33 1.00 2.79
CA GLU A 329 17.35 1.36 3.86
C GLU A 329 18.13 1.63 5.17
N SER A 330 19.19 0.87 5.44
CA SER A 330 19.99 0.97 6.69
C SER A 330 21.02 2.11 6.64
N ARG A 331 21.20 2.81 5.51
CA ARG A 331 22.34 3.74 5.34
C ARG A 331 22.00 5.12 5.89
N ASP A 332 23.01 5.81 6.43
CA ASP A 332 23.05 7.26 6.78
C ASP A 332 24.05 7.95 5.87
N LEU A 333 23.59 8.66 4.87
CA LEU A 333 24.44 9.23 3.79
C LEU A 333 24.17 10.73 3.75
N LEU A 334 25.00 11.48 3.04
CA LEU A 334 24.80 12.94 2.84
C LEU A 334 23.73 13.18 1.74
N ILE A 335 23.12 14.37 1.74
CA ILE A 335 22.08 14.74 0.73
C ILE A 335 22.61 14.43 -0.66
N ASP A 336 23.83 14.87 -0.95
CA ASP A 336 24.44 14.79 -2.30
C ASP A 336 24.53 13.32 -2.77
N GLU A 337 24.84 12.42 -1.84
CA GLU A 337 24.92 10.96 -2.10
C GLU A 337 23.53 10.47 -2.47
N TRP A 338 22.51 10.86 -1.71
CA TRP A 338 21.13 10.40 -2.00
C TRP A 338 20.73 10.95 -3.38
N LYS A 339 21.13 12.17 -3.69
CA LYS A 339 20.76 12.84 -4.95
C LYS A 339 21.47 12.12 -6.09
N SER A 340 22.76 11.82 -5.94
CA SER A 340 23.54 11.11 -6.96
C SER A 340 22.92 9.74 -7.25
N LEU A 341 22.55 8.99 -6.20
CA LEU A 341 21.96 7.65 -6.37
C LEU A 341 20.61 7.80 -7.11
N THR A 342 19.86 8.87 -6.80
CA THR A 342 18.55 9.15 -7.40
C THR A 342 18.79 9.48 -8.88
N TYR A 343 19.68 10.41 -9.19
CA TYR A 343 20.00 10.78 -10.59
C TYR A 343 20.28 9.48 -11.37
N ASP A 344 21.11 8.58 -10.82
CA ASP A 344 21.56 7.37 -11.57
C ASP A 344 20.35 6.54 -11.90
N GLU A 345 19.36 6.48 -10.99
CA GLU A 345 18.15 5.64 -11.16
C GLU A 345 17.22 6.26 -12.21
N VAL A 346 17.17 7.59 -12.30
CA VAL A 346 16.43 8.32 -13.35
C VAL A 346 17.07 7.96 -14.70
N ILE A 347 18.39 8.04 -14.80
CA ILE A 347 19.12 7.85 -16.10
C ILE A 347 18.98 6.40 -16.57
N SER A 348 19.00 5.43 -15.67
CA SER A 348 19.01 3.98 -16.02
C SER A 348 17.58 3.46 -16.22
N PHE A 349 16.55 4.25 -15.90
CA PHE A 349 15.13 3.84 -16.08
C PHE A 349 14.91 3.35 -17.51
N VAL A 350 14.24 2.23 -17.65
CA VAL A 350 13.82 1.68 -18.97
C VAL A 350 12.30 1.52 -18.99
N PRO A 351 11.60 2.28 -19.85
CA PRO A 351 10.14 2.20 -19.94
C PRO A 351 9.62 0.76 -20.05
N PRO A 352 8.44 0.47 -19.47
CA PRO A 352 7.81 -0.82 -19.74
C PRO A 352 7.45 -0.78 -21.24
N PRO A 353 7.20 -1.93 -21.90
CA PRO A 353 6.65 -1.97 -23.27
C PRO A 353 5.30 -1.24 -23.53
N LEU A 354 5.09 -0.70 -24.75
CA LEU A 354 3.84 -0.03 -25.23
C LEU A 354 2.66 -1.02 -25.20
C4 OE5 B . 5.61 5.02 -1.98
C5 OE5 B . 6.94 4.96 -1.58
C6 OE5 B . 7.48 5.97 -0.81
N1 OE5 B . 5.13 2.67 -2.26
C7 OE5 B . 4.45 1.92 -3.14
C8 OE5 B . 3.92 2.70 -4.17
N2 OE5 B . 3.89 5.21 -4.47
C9 OE5 B . 4.30 3.98 -3.89
C10 OE5 B . 2.77 5.26 -5.27
C11 OE5 B . 2.58 6.47 -6.11
C12 OE5 B . 3.60 7.21 -6.70
N3 OE5 B . 0.30 9.45 -9.52
C13 OE5 B . 3.31 8.19 -7.65
C14 OE5 B . 2.00 8.43 -8.04
C15 OE5 B . 1.68 9.48 -9.08
N4 OE5 B . -3.92 9.12 -10.42
O1 OE5 B . -0.48 10.82 -7.91
C16 OE5 B . -0.69 10.09 -8.87
C17 OE5 B . -2.06 9.87 -9.37
C19 OE5 B . -3.15 10.59 -8.87
N6 OE5 B . -3.21 11.55 -7.92
N5 OE5 B . -4.24 10.11 -9.51
C20 OE5 B . -5.60 10.54 -9.39
C25 OE5 B . -6.29 10.99 -10.52
C24 OE5 B . -7.52 11.61 -10.37
C23 OE5 B . -8.08 11.76 -9.12
C22 OE5 B . -7.42 11.28 -8.00
C21 OE5 B . -6.18 10.65 -8.13
C18 OE5 B . -2.61 9.00 -10.32
C26 OE5 B . 0.98 7.71 -7.43
C27 OE5 B . 1.26 6.76 -6.48
O OE5 B . 1.92 4.38 -5.23
C28 OE5 B . 4.35 0.42 -2.97
C31 OE5 B . 5.21 -0.05 -1.80
C30 OE5 B . 2.91 0.05 -2.69
C29 OE5 B . 4.81 -0.27 -4.27
N OE5 B . 5.03 3.95 -2.75
C3 OE5 B . 4.85 6.11 -1.61
C2 OE5 B . 5.40 7.12 -0.83
C1 OE5 B . 6.72 7.07 -0.43
C OE5 B . 7.33 8.17 0.39
#